data_3KS4
#
_entry.id   3KS4
#
_cell.length_a   158.160
_cell.length_b   158.160
_cell.length_c   166.110
_cell.angle_alpha   90.00
_cell.angle_beta   90.00
_cell.angle_gamma   120.00
#
_symmetry.space_group_name_H-M   'H 3 2'
#
loop_
_entity.id
_entity.type
_entity.pdbx_description
1 polymer 'Polymerase cofactor VP35'
2 water water
#
_entity_poly.entity_id   1
_entity_poly.type   'polypeptide(L)'
_entity_poly.pdbx_seq_one_letter_code
;MAHHHHHHVDDDDKPGPALYEENALKGKIDDPNSYVPDAVQEAYKNLDSTSTLTEENFGKPYISAKDLKEIMYDHLPGFG
TAFHQLVQVICKIGKDNNLLDTIHAEFQASLADGDSPQCALIQITKRVPIFQDVPPPIIHIRSRGDIPRACQKSLRPAPP
SPKIDRGWVCLFKMQDGKTLGLKI
;
_entity_poly.pdbx_strand_id   A,B
#
# COMPACT_ATOMS: atom_id res chain seq x y z
N LYS A 60 -6.17 -15.87 5.75
CA LYS A 60 -6.08 -14.42 5.96
C LYS A 60 -5.07 -13.76 5.04
N PRO A 61 -5.41 -12.56 4.52
CA PRO A 61 -4.63 -11.84 3.51
C PRO A 61 -3.43 -11.14 4.12
N TYR A 62 -2.28 -11.17 3.46
CA TYR A 62 -1.12 -10.41 3.91
C TYR A 62 -1.44 -8.92 3.97
N ILE A 63 -2.32 -8.46 3.09
CA ILE A 63 -2.73 -7.08 3.14
C ILE A 63 -4.23 -6.97 3.43
N SER A 64 -4.58 -6.02 4.29
CA SER A 64 -5.97 -5.84 4.68
C SER A 64 -6.62 -4.88 3.71
N ALA A 65 -7.95 -4.88 3.68
CA ALA A 65 -8.71 -3.91 2.87
C ALA A 65 -8.30 -2.47 3.19
N LYS A 66 -8.23 -2.13 4.48
CA LYS A 66 -7.83 -0.80 4.93
C LYS A 66 -6.45 -0.40 4.40
N ASP A 67 -5.48 -1.28 4.56
CA ASP A 67 -4.13 -1.01 4.09
C ASP A 67 -3.97 -0.94 2.56
N LEU A 68 -4.73 -1.76 1.83
CA LEU A 68 -4.68 -1.70 0.38
C LEU A 68 -5.27 -0.37 -0.09
N LYS A 69 -6.40 0.00 0.50
CA LYS A 69 -6.97 1.30 0.20
C LYS A 69 -5.94 2.42 0.42
N GLU A 70 -5.26 2.41 1.57
CA GLU A 70 -4.28 3.45 1.84
C GLU A 70 -3.14 3.47 0.81
N ILE A 71 -2.59 2.29 0.53
CA ILE A 71 -1.57 2.17 -0.50
C ILE A 71 -2.03 2.77 -1.84
N MET A 72 -3.23 2.40 -2.25
CA MET A 72 -3.80 2.95 -3.49
C MET A 72 -4.00 4.46 -3.42
N TYR A 73 -4.66 4.92 -2.36
CA TYR A 73 -4.85 6.36 -2.12
C TYR A 73 -3.55 7.11 -2.16
N ASP A 74 -2.49 6.50 -1.66
CA ASP A 74 -1.19 7.15 -1.64
C ASP A 74 -0.71 7.48 -3.05
N HIS A 75 -1.17 6.70 -4.03
CA HIS A 75 -0.76 6.86 -5.42
C HIS A 75 -1.66 7.81 -6.21
N LEU A 76 -2.76 8.26 -5.60
CA LEU A 76 -3.71 9.07 -6.34
C LEU A 76 -3.59 10.57 -6.06
N PRO A 77 -3.71 11.37 -7.12
CA PRO A 77 -3.87 12.83 -7.04
C PRO A 77 -5.25 13.20 -6.52
N GLY A 78 -5.35 14.33 -5.84
CA GLY A 78 -6.63 14.84 -5.40
C GLY A 78 -7.30 14.05 -4.31
N PHE A 79 -8.59 14.31 -4.12
CA PHE A 79 -9.36 13.58 -3.12
C PHE A 79 -10.79 13.43 -3.60
N GLY A 80 -11.39 12.29 -3.28
CA GLY A 80 -12.77 12.02 -3.66
C GLY A 80 -13.03 11.97 -5.16
N THR A 81 -12.01 11.58 -5.93
CA THR A 81 -12.18 11.41 -7.36
C THR A 81 -12.89 10.11 -7.68
N ALA A 82 -13.29 9.94 -8.93
CA ALA A 82 -13.85 8.67 -9.37
C ALA A 82 -12.87 7.53 -9.07
N PHE A 83 -11.58 7.77 -9.27
CA PHE A 83 -10.57 6.77 -8.91
C PHE A 83 -10.52 6.42 -7.40
N HIS A 84 -10.71 7.41 -6.54
CA HIS A 84 -10.79 7.13 -5.10
C HIS A 84 -11.98 6.20 -4.83
N GLN A 85 -13.10 6.48 -5.49
CA GLN A 85 -14.30 5.67 -5.34
C GLN A 85 -14.06 4.27 -5.90
N LEU A 86 -13.34 4.19 -7.01
CA LEU A 86 -12.99 2.90 -7.60
C LEU A 86 -12.11 2.08 -6.64
N VAL A 87 -11.19 2.75 -5.96
CA VAL A 87 -10.35 2.07 -4.98
C VAL A 87 -11.25 1.39 -3.96
N GLN A 88 -12.29 2.09 -3.53
CA GLN A 88 -13.19 1.56 -2.52
C GLN A 88 -13.97 0.36 -3.05
N VAL A 89 -14.40 0.44 -4.30
CA VAL A 89 -15.15 -0.65 -4.89
C VAL A 89 -14.26 -1.88 -5.02
N ILE A 90 -13.04 -1.66 -5.50
CA ILE A 90 -12.09 -2.74 -5.65
C ILE A 90 -11.80 -3.43 -4.31
N CYS A 91 -11.54 -2.63 -3.27
CA CYS A 91 -11.20 -3.19 -1.96
C CYS A 91 -12.35 -3.96 -1.33
N LYS A 92 -13.57 -3.47 -1.53
CA LYS A 92 -14.73 -4.15 -0.97
C LYS A 92 -14.99 -5.48 -1.67
N ILE A 93 -14.91 -5.47 -3.00
CA ILE A 93 -15.02 -6.72 -3.76
C ILE A 93 -13.89 -7.71 -3.39
N GLY A 94 -12.66 -7.21 -3.30
CA GLY A 94 -11.53 -8.02 -2.89
C GLY A 94 -11.65 -8.61 -1.49
N LYS A 95 -12.09 -7.77 -0.54
CA LYS A 95 -12.32 -8.21 0.82
C LYS A 95 -13.41 -9.29 0.92
N ASP A 96 -14.55 -9.04 0.28
CA ASP A 96 -15.68 -9.98 0.28
C ASP A 96 -15.36 -11.34 -0.36
N ASN A 97 -14.44 -11.35 -1.32
CA ASN A 97 -14.17 -12.59 -2.02
C ASN A 97 -12.78 -13.15 -1.76
N ASN A 98 -12.08 -12.55 -0.81
CA ASN A 98 -10.75 -12.97 -0.43
C ASN A 98 -9.77 -12.94 -1.61
N LEU A 99 -9.65 -11.77 -2.22
CA LEU A 99 -8.81 -11.58 -3.40
C LEU A 99 -7.88 -10.37 -3.25
N LEU A 100 -7.79 -9.85 -2.03
CA LEU A 100 -6.99 -8.69 -1.72
C LEU A 100 -5.52 -8.81 -2.16
N ASP A 101 -4.89 -9.94 -1.86
CA ASP A 101 -3.50 -10.12 -2.24
C ASP A 101 -3.34 -10.19 -3.76
N THR A 102 -4.27 -10.89 -4.41
CA THR A 102 -4.24 -10.99 -5.84
C THR A 102 -4.35 -9.60 -6.45
N ILE A 103 -5.26 -8.81 -5.89
CA ILE A 103 -5.52 -7.47 -6.39
C ILE A 103 -4.32 -6.56 -6.19
N HIS A 104 -3.74 -6.64 -5.00
CA HIS A 104 -2.52 -5.93 -4.64
C HIS A 104 -1.39 -6.22 -5.64
N ALA A 105 -1.11 -7.51 -5.86
CA ALA A 105 -0.06 -7.88 -6.81
C ALA A 105 -0.33 -7.34 -8.20
N GLU A 106 -1.60 -7.37 -8.62
CA GLU A 106 -1.92 -6.91 -9.96
C GLU A 106 -1.66 -5.40 -10.04
N PHE A 107 -2.00 -4.69 -8.97
CA PHE A 107 -1.73 -3.28 -8.89
C PHE A 107 -0.21 -3.03 -9.10
N GLN A 108 0.60 -3.74 -8.33
CA GLN A 108 2.05 -3.63 -8.43
C GLN A 108 2.58 -3.99 -9.80
N ALA A 109 2.02 -5.04 -10.38
CA ALA A 109 2.52 -5.54 -11.66
C ALA A 109 2.28 -4.49 -12.76
N SER A 110 1.14 -3.85 -12.67
CA SER A 110 0.78 -2.84 -13.64
C SER A 110 1.75 -1.64 -13.51
N LEU A 111 1.98 -1.19 -12.27
CA LEU A 111 2.96 -0.13 -12.04
C LEU A 111 4.33 -0.50 -12.57
N ALA A 112 4.74 -1.76 -12.38
CA ALA A 112 6.04 -2.20 -12.88
C ALA A 112 6.08 -2.24 -14.42
N ASP A 113 4.92 -2.46 -15.05
CA ASP A 113 4.83 -2.36 -16.50
C ASP A 113 5.05 -0.92 -16.98
N GLY A 114 5.03 0.04 -16.04
CA GLY A 114 5.12 1.44 -16.40
C GLY A 114 3.79 2.18 -16.47
N ASP A 115 2.69 1.53 -16.07
CA ASP A 115 1.38 2.21 -16.06
C ASP A 115 1.26 3.21 -14.90
N SER A 116 0.51 4.29 -15.12
CA SER A 116 0.15 5.21 -14.04
C SER A 116 -0.79 4.50 -13.06
N PRO A 117 -0.88 5.02 -11.84
CA PRO A 117 -1.77 4.44 -10.82
C PRO A 117 -3.24 4.39 -11.27
N GLN A 118 -3.75 5.46 -11.90
CA GLN A 118 -5.11 5.45 -12.41
C GLN A 118 -5.27 4.32 -13.41
N CYS A 119 -4.33 4.23 -14.34
CA CYS A 119 -4.34 3.18 -15.34
C CYS A 119 -4.28 1.78 -14.69
N ALA A 120 -3.52 1.65 -13.62
CA ALA A 120 -3.40 0.36 -12.93
C ALA A 120 -4.72 -0.09 -12.33
N LEU A 121 -5.52 0.87 -11.84
CA LEU A 121 -6.82 0.53 -11.25
C LEU A 121 -7.72 0.03 -12.34
N ILE A 122 -7.65 0.69 -13.50
CA ILE A 122 -8.42 0.26 -14.65
C ILE A 122 -7.96 -1.14 -15.02
N GLN A 123 -6.64 -1.37 -15.02
CA GLN A 123 -6.12 -2.68 -15.38
C GLN A 123 -6.61 -3.79 -14.45
N ILE A 124 -6.76 -3.46 -13.17
CA ILE A 124 -7.29 -4.42 -12.23
C ILE A 124 -8.68 -4.86 -12.66
N THR A 125 -9.52 -3.91 -13.06
CA THR A 125 -10.89 -4.25 -13.46
C THR A 125 -10.91 -5.11 -14.70
N LYS A 126 -9.87 -5.03 -15.54
CA LYS A 126 -9.82 -5.86 -16.74
C LYS A 126 -9.06 -7.17 -16.51
N ARG A 127 -8.12 -7.16 -15.58
CA ARG A 127 -7.26 -8.32 -15.46
C ARG A 127 -7.59 -9.24 -14.29
N VAL A 128 -8.18 -8.70 -13.22
CA VAL A 128 -8.59 -9.59 -12.15
C VAL A 128 -9.99 -10.08 -12.47
N PRO A 129 -10.12 -11.39 -12.75
CA PRO A 129 -11.34 -11.96 -13.37
C PRO A 129 -12.62 -11.53 -12.67
N ILE A 130 -12.60 -11.43 -11.35
CA ILE A 130 -13.85 -11.23 -10.63
C ILE A 130 -14.57 -9.95 -11.09
N PHE A 131 -13.82 -8.97 -11.58
CA PHE A 131 -14.41 -7.69 -11.93
C PHE A 131 -15.20 -7.72 -13.23
N GLN A 132 -15.04 -8.79 -14.01
CA GLN A 132 -15.97 -9.04 -15.12
C GLN A 132 -17.21 -9.83 -14.73
N ASP A 133 -17.24 -10.38 -13.52
CA ASP A 133 -18.27 -11.35 -13.16
C ASP A 133 -19.27 -10.85 -12.15
N VAL A 134 -19.09 -9.61 -11.69
CA VAL A 134 -20.03 -9.02 -10.75
C VAL A 134 -20.46 -7.64 -11.25
N PRO A 135 -21.71 -7.25 -10.96
CA PRO A 135 -22.21 -5.94 -11.39
C PRO A 135 -21.60 -4.83 -10.54
N PRO A 136 -21.61 -3.60 -11.04
CA PRO A 136 -21.19 -2.47 -10.20
C PRO A 136 -22.02 -2.39 -8.92
N PRO A 137 -21.37 -2.06 -7.82
CA PRO A 137 -22.10 -2.02 -6.54
C PRO A 137 -23.10 -0.89 -6.55
N ILE A 138 -24.22 -1.08 -5.86
CA ILE A 138 -25.18 -0.02 -5.65
C ILE A 138 -24.93 0.63 -4.30
N ILE A 139 -24.62 1.92 -4.32
CA ILE A 139 -24.36 2.64 -3.10
C ILE A 139 -25.52 3.60 -2.75
N HIS A 140 -26.19 3.35 -1.62
CA HIS A 140 -27.33 4.17 -1.20
C HIS A 140 -26.86 5.43 -0.49
N ILE A 141 -27.30 6.58 -0.99
CA ILE A 141 -27.01 7.84 -0.33
C ILE A 141 -28.29 8.65 -0.23
N ARG A 142 -28.24 9.77 0.48
CA ARG A 142 -29.46 10.56 0.69
C ARG A 142 -29.77 11.46 -0.49
N SER A 143 -28.81 12.30 -0.88
CA SER A 143 -29.02 13.21 -2.00
C SER A 143 -27.77 13.31 -2.85
N ARG A 144 -27.89 13.99 -3.97
CA ARG A 144 -26.79 14.10 -4.92
C ARG A 144 -25.59 14.87 -4.33
N GLY A 145 -25.84 15.67 -3.32
CA GLY A 145 -24.78 16.45 -2.69
C GLY A 145 -23.87 15.58 -1.83
N ASP A 146 -24.34 14.39 -1.50
CA ASP A 146 -23.54 13.45 -0.72
C ASP A 146 -22.34 12.93 -1.51
N ILE A 147 -22.41 13.05 -2.84
CA ILE A 147 -21.35 12.58 -3.73
C ILE A 147 -20.22 13.59 -3.79
N PRO A 148 -18.98 13.13 -3.58
CA PRO A 148 -17.78 13.98 -3.56
C PRO A 148 -17.74 14.90 -4.79
N ARG A 149 -17.38 16.15 -4.56
CA ARG A 149 -17.34 17.14 -5.63
C ARG A 149 -16.58 16.64 -6.87
N ALA A 150 -15.47 15.94 -6.65
CA ALA A 150 -14.61 15.52 -7.76
C ALA A 150 -15.28 14.45 -8.61
N CYS A 151 -16.25 13.75 -8.04
CA CYS A 151 -17.00 12.72 -8.77
C CYS A 151 -18.14 13.30 -9.58
N GLN A 152 -18.60 14.50 -9.23
CA GLN A 152 -19.80 15.05 -9.85
C GLN A 152 -19.71 15.07 -11.38
N LYS A 153 -18.56 15.49 -11.90
CA LYS A 153 -18.33 15.55 -13.33
C LYS A 153 -18.45 14.19 -14.03
N SER A 154 -18.33 13.11 -13.27
CA SER A 154 -18.29 11.75 -13.82
C SER A 154 -19.60 10.99 -13.71
N LEU A 155 -20.63 11.64 -13.16
CA LEU A 155 -21.97 11.04 -13.06
C LEU A 155 -22.67 10.99 -14.42
N ARG A 156 -23.33 9.87 -14.70
CA ARG A 156 -24.03 9.66 -15.95
C ARG A 156 -25.33 8.95 -15.68
N PRO A 157 -26.31 9.10 -16.58
CA PRO A 157 -27.53 8.30 -16.46
C PRO A 157 -27.14 6.84 -16.42
N ALA A 158 -27.86 6.08 -15.62
CA ALA A 158 -27.51 4.67 -15.46
C ALA A 158 -28.10 3.81 -16.58
N PRO A 159 -27.25 3.14 -17.36
CA PRO A 159 -27.72 2.22 -18.40
C PRO A 159 -28.23 0.93 -17.79
N PRO A 160 -28.86 0.08 -18.61
CA PRO A 160 -29.41 -1.19 -18.11
C PRO A 160 -28.31 -2.16 -17.70
N SER A 161 -27.20 -2.15 -18.40
CA SER A 161 -26.16 -3.13 -18.10
C SER A 161 -24.77 -2.50 -17.98
N PRO A 162 -24.55 -1.76 -16.89
CA PRO A 162 -23.23 -1.15 -16.69
C PRO A 162 -22.23 -2.21 -16.32
N LYS A 163 -21.03 -2.10 -16.85
CA LYS A 163 -19.96 -3.05 -16.49
C LYS A 163 -18.78 -2.34 -15.85
N ILE A 164 -18.32 -2.90 -14.74
CA ILE A 164 -17.17 -2.37 -14.06
C ILE A 164 -16.01 -2.30 -15.04
N ASP A 165 -15.76 -3.39 -15.75
CA ASP A 165 -14.61 -3.39 -16.67
C ASP A 165 -14.75 -2.42 -17.87
N ARG A 166 -15.90 -1.78 -18.01
CA ARG A 166 -16.04 -0.73 -19.02
C ARG A 166 -16.16 0.65 -18.39
N GLY A 167 -15.87 0.74 -17.10
CA GLY A 167 -15.68 2.04 -16.46
C GLY A 167 -16.78 2.48 -15.52
N TRP A 168 -17.81 1.66 -15.38
CA TRP A 168 -18.92 1.97 -14.45
C TRP A 168 -18.49 1.53 -13.05
N VAL A 169 -18.06 2.51 -12.26
CA VAL A 169 -17.52 2.26 -10.95
C VAL A 169 -18.61 1.75 -9.99
N CYS A 170 -19.75 2.42 -9.99
CA CYS A 170 -20.80 2.07 -9.04
C CYS A 170 -22.08 2.79 -9.45
N LEU A 171 -23.18 2.42 -8.80
CA LEU A 171 -24.43 3.13 -8.99
C LEU A 171 -24.85 3.83 -7.68
N PHE A 172 -25.12 5.14 -7.77
CA PHE A 172 -25.61 5.89 -6.62
C PHE A 172 -27.13 5.93 -6.66
N LYS A 173 -27.73 5.33 -5.64
CA LYS A 173 -29.18 5.28 -5.50
C LYS A 173 -29.56 6.29 -4.42
N MET A 174 -30.26 7.35 -4.83
CA MET A 174 -30.67 8.40 -3.91
C MET A 174 -31.92 8.03 -3.13
N GLN A 175 -32.19 8.80 -2.08
CA GLN A 175 -33.33 8.54 -1.21
C GLN A 175 -34.63 8.77 -1.98
N ASP A 176 -34.67 9.85 -2.76
CA ASP A 176 -35.82 10.15 -3.59
C ASP A 176 -36.11 9.06 -4.64
N GLY A 177 -35.29 8.02 -4.70
CA GLY A 177 -35.50 6.94 -5.63
C GLY A 177 -34.74 7.02 -6.95
N LYS A 178 -34.10 8.17 -7.22
CA LYS A 178 -33.34 8.35 -8.45
C LYS A 178 -31.97 7.66 -8.44
N THR A 179 -31.36 7.53 -9.61
CA THR A 179 -30.12 6.78 -9.75
C THR A 179 -29.16 7.41 -10.75
N LEU A 180 -27.89 7.56 -10.36
CA LEU A 180 -26.86 8.01 -11.27
C LEU A 180 -25.68 7.06 -11.22
N GLY A 181 -25.07 6.80 -12.37
CA GLY A 181 -23.89 5.97 -12.42
C GLY A 181 -22.62 6.79 -12.40
N LEU A 182 -21.56 6.21 -11.84
CA LEU A 182 -20.25 6.85 -11.85
C LEU A 182 -19.42 6.18 -12.95
N LYS A 183 -19.00 6.97 -13.93
CA LYS A 183 -18.35 6.46 -15.13
C LYS A 183 -16.99 7.07 -15.33
N ILE A 184 -16.01 6.21 -15.59
CA ILE A 184 -14.66 6.66 -15.89
C ILE A 184 -14.30 6.47 -17.38
N PRO B 61 12.41 17.61 -7.07
CA PRO B 61 12.53 18.32 -5.80
C PRO B 61 12.90 17.39 -4.65
N TYR B 62 12.40 17.68 -3.45
CA TYR B 62 12.67 16.84 -2.29
C TYR B 62 11.55 15.83 -2.10
N ILE B 63 11.91 14.55 -2.11
CA ILE B 63 10.96 13.48 -1.96
C ILE B 63 10.46 13.38 -0.52
N SER B 64 9.17 13.12 -0.36
CA SER B 64 8.58 12.94 0.96
C SER B 64 8.79 11.51 1.46
N ALA B 65 8.72 11.35 2.77
CA ALA B 65 8.84 10.03 3.38
C ALA B 65 7.76 9.11 2.87
N LYS B 66 6.55 9.64 2.75
CA LYS B 66 5.41 8.84 2.29
C LYS B 66 5.66 8.29 0.90
N ASP B 67 6.07 9.16 -0.01
CA ASP B 67 6.37 8.75 -1.38
C ASP B 67 7.51 7.74 -1.45
N LEU B 68 8.57 7.97 -0.66
CA LEU B 68 9.69 7.03 -0.63
C LEU B 68 9.22 5.66 -0.14
N LYS B 69 8.42 5.65 0.93
CA LYS B 69 7.86 4.40 1.42
C LYS B 69 7.11 3.68 0.30
N GLU B 70 6.34 4.43 -0.48
CA GLU B 70 5.50 3.81 -1.50
C GLU B 70 6.32 3.31 -2.69
N ILE B 71 7.33 4.07 -3.08
CA ILE B 71 8.24 3.60 -4.12
C ILE B 71 8.83 2.26 -3.70
N MET B 72 9.34 2.19 -2.46
CA MET B 72 9.90 0.94 -2.00
C MET B 72 8.85 -0.17 -1.91
N TYR B 73 7.70 0.15 -1.33
CA TYR B 73 6.60 -0.82 -1.25
C TYR B 73 6.22 -1.36 -2.62
N ASP B 74 6.19 -0.47 -3.62
CA ASP B 74 5.85 -0.86 -5.00
C ASP B 74 6.70 -2.06 -5.46
N HIS B 75 7.92 -2.16 -4.97
CA HIS B 75 8.84 -3.22 -5.44
C HIS B 75 8.92 -4.45 -4.55
N LEU B 76 8.20 -4.46 -3.43
CA LEU B 76 8.28 -5.60 -2.53
C LEU B 76 7.10 -6.53 -2.68
N PRO B 77 7.37 -7.83 -2.78
CA PRO B 77 6.27 -8.80 -2.88
C PRO B 77 5.53 -8.87 -1.54
N GLY B 78 4.23 -9.16 -1.55
CA GLY B 78 3.46 -9.30 -0.33
C GLY B 78 3.32 -8.03 0.50
N PHE B 79 3.11 -8.22 1.79
CA PHE B 79 2.91 -7.12 2.72
C PHE B 79 3.23 -7.56 4.15
N GLY B 80 3.67 -6.62 4.98
CA GLY B 80 4.05 -6.95 6.34
C GLY B 80 5.26 -7.86 6.46
N THR B 81 6.13 -7.89 5.45
CA THR B 81 7.35 -8.67 5.53
C THR B 81 8.40 -7.88 6.32
N ALA B 82 9.44 -8.58 6.76
CA ALA B 82 10.54 -7.91 7.44
C ALA B 82 11.11 -6.77 6.58
N PHE B 83 11.04 -6.91 5.26
CA PHE B 83 11.52 -5.86 4.37
C PHE B 83 10.64 -4.62 4.40
N HIS B 84 9.34 -4.81 4.52
CA HIS B 84 8.40 -3.70 4.66
C HIS B 84 8.70 -2.92 5.93
N GLN B 85 8.97 -3.64 7.01
CA GLN B 85 9.29 -2.98 8.27
C GLN B 85 10.59 -2.19 8.11
N LEU B 86 11.53 -2.76 7.36
CA LEU B 86 12.80 -2.09 7.14
C LEU B 86 12.57 -0.80 6.36
N VAL B 87 11.65 -0.83 5.41
CA VAL B 87 11.32 0.37 4.65
C VAL B 87 10.84 1.47 5.61
N GLN B 88 10.00 1.08 6.55
CA GLN B 88 9.45 2.02 7.52
C GLN B 88 10.57 2.58 8.39
N VAL B 89 11.46 1.70 8.83
CA VAL B 89 12.55 2.14 9.67
C VAL B 89 13.45 3.09 8.89
N ILE B 90 13.84 2.67 7.68
CA ILE B 90 14.68 3.49 6.81
C ILE B 90 14.05 4.86 6.55
N CYS B 91 12.74 4.90 6.31
CA CYS B 91 12.07 6.15 5.97
C CYS B 91 11.96 7.13 7.14
N LYS B 92 11.75 6.62 8.34
CA LYS B 92 11.62 7.50 9.49
C LYS B 92 12.99 8.10 9.77
N ILE B 93 14.00 7.25 9.72
CA ILE B 93 15.34 7.70 9.90
C ILE B 93 15.72 8.74 8.84
N GLY B 94 15.35 8.49 7.58
CA GLY B 94 15.61 9.44 6.53
C GLY B 94 14.88 10.75 6.69
N LYS B 95 13.63 10.67 7.14
CA LYS B 95 12.84 11.87 7.33
C LYS B 95 13.38 12.71 8.50
N ASP B 96 13.60 12.07 9.64
CA ASP B 96 14.08 12.76 10.84
C ASP B 96 15.37 13.53 10.61
N ASN B 97 16.28 12.90 9.87
CA ASN B 97 17.63 13.41 9.69
C ASN B 97 17.91 14.05 8.32
N ASN B 98 16.85 14.24 7.53
CA ASN B 98 16.98 14.84 6.21
C ASN B 98 17.96 14.10 5.29
N LEU B 99 17.69 12.82 5.10
CA LEU B 99 18.50 11.96 4.25
C LEU B 99 17.63 11.20 3.23
N LEU B 100 16.37 11.61 3.07
CA LEU B 100 15.46 10.93 2.16
C LEU B 100 15.98 10.91 0.72
N ASP B 101 16.54 12.02 0.28
CA ASP B 101 16.97 12.11 -1.12
C ASP B 101 18.17 11.20 -1.40
N THR B 102 19.08 11.12 -0.43
CA THR B 102 20.25 10.27 -0.56
C THR B 102 19.85 8.81 -0.57
N ILE B 103 18.92 8.46 0.30
CA ILE B 103 18.41 7.11 0.38
C ILE B 103 17.67 6.75 -0.91
N HIS B 104 16.91 7.70 -1.43
CA HIS B 104 16.15 7.50 -2.65
C HIS B 104 17.06 7.27 -3.88
N ALA B 105 18.08 8.10 -4.01
CA ALA B 105 19.02 8.01 -5.12
C ALA B 105 19.69 6.66 -5.08
N GLU B 106 20.09 6.27 -3.88
CA GLU B 106 20.77 5.02 -3.65
C GLU B 106 19.87 3.85 -4.05
N PHE B 107 18.61 3.93 -3.66
CA PHE B 107 17.68 2.86 -3.94
C PHE B 107 17.42 2.78 -5.44
N GLN B 108 17.17 3.92 -6.07
CA GLN B 108 16.94 3.96 -7.52
C GLN B 108 18.13 3.38 -8.29
N ALA B 109 19.34 3.74 -7.87
CA ALA B 109 20.54 3.34 -8.61
C ALA B 109 20.80 1.84 -8.54
N SER B 110 20.46 1.21 -7.43
CA SER B 110 20.74 -0.21 -7.33
C SER B 110 19.65 -1.06 -8.04
N LEU B 111 18.42 -0.54 -8.10
CA LEU B 111 17.42 -1.16 -8.95
C LEU B 111 17.80 -1.04 -10.41
N ALA B 112 18.33 0.13 -10.78
CA ALA B 112 18.70 0.39 -12.17
C ALA B 112 19.84 -0.50 -12.64
N ASP B 113 20.71 -0.91 -11.73
CA ASP B 113 21.78 -1.78 -12.17
C ASP B 113 21.44 -3.28 -12.04
N GLY B 114 20.22 -3.57 -11.55
CA GLY B 114 19.72 -4.92 -11.57
C GLY B 114 19.68 -5.72 -10.29
N ASP B 115 19.81 -5.04 -9.15
CA ASP B 115 19.73 -5.67 -7.84
C ASP B 115 18.28 -5.88 -7.45
N SER B 116 18.01 -6.95 -6.71
CA SER B 116 16.70 -7.11 -6.09
C SER B 116 16.45 -5.94 -5.13
N PRO B 117 15.20 -5.54 -4.97
CA PRO B 117 14.83 -4.45 -4.05
C PRO B 117 15.30 -4.77 -2.64
N GLN B 118 15.22 -6.04 -2.29
CA GLN B 118 15.65 -6.49 -0.98
C GLN B 118 17.13 -6.19 -0.82
N CYS B 119 17.91 -6.56 -1.82
CA CYS B 119 19.33 -6.30 -1.79
C CYS B 119 19.57 -4.78 -1.70
N ALA B 120 18.83 -4.02 -2.51
CA ALA B 120 18.88 -2.56 -2.51
C ALA B 120 18.74 -1.98 -1.10
N LEU B 121 17.73 -2.45 -0.38
CA LEU B 121 17.49 -2.01 0.99
C LEU B 121 18.65 -2.36 1.93
N ILE B 122 19.13 -3.60 1.85
CA ILE B 122 20.28 -4.02 2.65
C ILE B 122 21.48 -3.11 2.41
N GLN B 123 21.70 -2.77 1.13
CA GLN B 123 22.83 -1.93 0.74
C GLN B 123 22.73 -0.57 1.40
N ILE B 124 21.53 -0.02 1.42
CA ILE B 124 21.28 1.23 2.10
C ILE B 124 21.73 1.17 3.56
N THR B 125 21.35 0.11 4.28
CA THR B 125 21.75 -0.02 5.69
C THR B 125 23.26 -0.12 5.85
N LYS B 126 23.93 -0.67 4.84
CA LYS B 126 25.38 -0.84 4.87
C LYS B 126 26.10 0.39 4.33
N ARG B 127 25.45 1.18 3.49
CA ARG B 127 26.17 2.24 2.77
C ARG B 127 25.86 3.64 3.26
N VAL B 128 24.69 3.83 3.83
CA VAL B 128 24.40 5.12 4.44
C VAL B 128 24.90 5.09 5.87
N PRO B 129 25.94 5.89 6.15
CA PRO B 129 26.68 5.91 7.43
C PRO B 129 25.78 5.90 8.65
N ILE B 130 24.65 6.60 8.55
CA ILE B 130 23.82 6.81 9.73
C ILE B 130 23.25 5.52 10.30
N PHE B 131 23.13 4.48 9.47
CA PHE B 131 22.52 3.23 9.94
C PHE B 131 23.41 2.45 10.88
N GLN B 132 24.66 2.88 11.00
CA GLN B 132 25.56 2.29 11.98
C GLN B 132 25.54 3.01 13.32
N ASP B 133 24.92 4.19 13.36
CA ASP B 133 24.98 5.02 14.55
C ASP B 133 23.63 5.26 15.21
N VAL B 134 22.63 4.52 14.78
CA VAL B 134 21.29 4.64 15.32
C VAL B 134 20.85 3.26 15.76
N PRO B 135 20.39 3.15 17.02
CA PRO B 135 19.85 1.88 17.55
C PRO B 135 18.66 1.43 16.71
N PRO B 136 18.47 0.12 16.53
CA PRO B 136 17.21 -0.28 15.90
C PRO B 136 16.08 0.27 16.75
N PRO B 137 15.04 0.81 16.10
CA PRO B 137 13.93 1.40 16.84
C PRO B 137 13.23 0.35 17.69
N ILE B 138 12.81 0.78 18.87
CA ILE B 138 11.95 -0.03 19.71
C ILE B 138 10.49 0.29 19.42
N ILE B 139 9.71 -0.74 19.18
CA ILE B 139 8.30 -0.57 18.84
C ILE B 139 7.45 -1.25 19.90
N HIS B 140 6.49 -0.52 20.46
CA HIS B 140 5.68 -1.08 21.53
C HIS B 140 4.41 -1.74 21.02
N ILE B 141 4.22 -3.00 21.39
CA ILE B 141 3.06 -3.76 20.98
C ILE B 141 2.44 -4.50 22.15
N ARG B 142 1.17 -4.86 22.02
CA ARG B 142 0.47 -5.63 23.03
C ARG B 142 1.11 -7.02 23.20
N SER B 143 0.94 -7.87 22.21
CA SER B 143 1.50 -9.22 22.24
C SER B 143 2.21 -9.57 20.93
N ARG B 144 2.86 -10.72 20.89
CA ARG B 144 3.56 -11.18 19.70
C ARG B 144 2.61 -11.33 18.51
N GLY B 145 1.35 -11.62 18.81
CA GLY B 145 0.34 -11.78 17.78
C GLY B 145 0.09 -10.50 17.00
N ASP B 146 0.51 -9.37 17.57
CA ASP B 146 0.34 -8.08 16.90
C ASP B 146 1.31 -7.90 15.73
N ILE B 147 2.42 -8.63 15.74
CA ILE B 147 3.43 -8.54 14.69
C ILE B 147 2.92 -9.25 13.43
N PRO B 148 2.97 -8.56 12.27
CA PRO B 148 2.34 -9.07 11.04
C PRO B 148 2.82 -10.47 10.68
N ARG B 149 1.92 -11.24 10.08
CA ARG B 149 2.18 -12.64 9.77
C ARG B 149 3.56 -12.86 9.15
N ALA B 150 3.86 -12.12 8.09
CA ALA B 150 5.06 -12.36 7.30
C ALA B 150 6.37 -12.00 8.02
N CYS B 151 6.22 -11.56 9.27
CA CYS B 151 7.36 -11.13 10.07
C CYS B 151 7.76 -12.17 11.11
N GLN B 152 6.85 -13.11 11.37
CA GLN B 152 7.01 -14.05 12.48
C GLN B 152 8.25 -14.95 12.37
N LYS B 153 8.56 -15.36 11.15
CA LYS B 153 9.70 -16.25 10.90
C LYS B 153 11.04 -15.53 11.08
N SER B 154 10.99 -14.22 11.33
CA SER B 154 12.20 -13.42 11.39
C SER B 154 12.44 -12.84 12.79
N LEU B 155 11.70 -13.35 13.76
CA LEU B 155 11.85 -12.87 15.14
C LEU B 155 12.86 -13.72 15.93
N ARG B 156 13.88 -13.05 16.46
CA ARG B 156 14.94 -13.68 17.22
C ARG B 156 15.03 -13.05 18.60
N PRO B 157 15.69 -13.76 19.54
CA PRO B 157 16.07 -13.12 20.81
C PRO B 157 17.07 -12.00 20.51
N ALA B 158 16.90 -10.84 21.14
CA ALA B 158 17.73 -9.69 20.83
C ALA B 158 19.13 -9.77 21.47
N PRO B 159 20.16 -9.37 20.71
CA PRO B 159 21.57 -9.37 21.15
C PRO B 159 21.85 -8.16 22.02
N PRO B 160 23.01 -8.13 22.68
CA PRO B 160 23.35 -7.04 23.59
C PRO B 160 23.26 -5.69 22.90
N SER B 161 23.93 -5.54 21.75
CA SER B 161 23.91 -4.25 21.07
C SER B 161 23.57 -4.38 19.58
N PRO B 162 22.28 -4.58 19.28
CA PRO B 162 21.84 -4.83 17.90
C PRO B 162 22.18 -3.67 16.97
N LYS B 163 22.74 -3.97 15.81
CA LYS B 163 23.06 -2.94 14.82
C LYS B 163 22.18 -3.13 13.58
N ILE B 164 21.68 -2.01 13.06
CA ILE B 164 20.81 -2.03 11.89
C ILE B 164 21.55 -2.54 10.67
N ASP B 165 22.79 -2.06 10.53
CA ASP B 165 23.65 -2.43 9.40
C ASP B 165 23.97 -3.92 9.40
N ARG B 166 23.58 -4.62 10.46
CA ARG B 166 23.85 -6.04 10.55
C ARG B 166 22.57 -6.88 10.55
N GLY B 167 21.46 -6.29 10.11
CA GLY B 167 20.23 -7.03 9.90
C GLY B 167 19.18 -6.84 10.98
N TRP B 168 19.51 -6.12 12.04
CA TRP B 168 18.55 -5.88 13.10
C TRP B 168 17.61 -4.71 12.79
N VAL B 169 16.41 -5.02 12.30
CA VAL B 169 15.48 -3.99 11.82
C VAL B 169 14.85 -3.14 12.93
N CYS B 170 14.47 -3.79 14.02
CA CYS B 170 13.82 -3.10 15.13
C CYS B 170 13.60 -4.07 16.25
N LEU B 171 13.19 -3.55 17.41
CA LEU B 171 12.90 -4.41 18.55
C LEU B 171 11.46 -4.24 18.97
N PHE B 172 10.74 -5.35 19.04
CA PHE B 172 9.37 -5.33 19.51
C PHE B 172 9.31 -5.57 21.02
N LYS B 173 8.76 -4.60 21.74
CA LYS B 173 8.50 -4.77 23.17
C LYS B 173 7.02 -4.99 23.42
N MET B 174 6.68 -6.21 23.81
CA MET B 174 5.30 -6.54 24.14
C MET B 174 4.96 -6.06 25.53
N GLN B 175 3.68 -6.03 25.85
CA GLN B 175 3.23 -5.60 27.17
C GLN B 175 3.82 -6.49 28.26
N ASP B 176 3.88 -7.79 27.99
CA ASP B 176 4.40 -8.74 28.98
C ASP B 176 5.84 -8.45 29.39
N GLY B 177 6.51 -7.53 28.69
CA GLY B 177 7.85 -7.13 29.04
C GLY B 177 8.94 -7.73 28.17
N LYS B 178 8.62 -8.84 27.51
CA LYS B 178 9.59 -9.52 26.66
C LYS B 178 9.92 -8.67 25.44
N THR B 179 11.13 -8.85 24.91
CA THR B 179 11.57 -8.13 23.73
C THR B 179 12.05 -9.09 22.63
N LEU B 180 11.51 -8.90 21.44
CA LEU B 180 11.92 -9.69 20.28
C LEU B 180 12.47 -8.80 19.18
N GLY B 181 13.67 -9.13 18.72
CA GLY B 181 14.26 -8.43 17.58
C GLY B 181 13.75 -8.97 16.26
N LEU B 182 13.75 -8.13 15.24
CA LEU B 182 13.40 -8.54 13.89
C LEU B 182 14.69 -8.57 13.10
N LYS B 183 15.03 -9.74 12.56
CA LYS B 183 16.33 -9.94 11.95
C LYS B 183 16.21 -10.34 10.49
N ILE B 184 16.98 -9.68 9.65
CA ILE B 184 17.03 -10.01 8.23
C ILE B 184 18.36 -10.69 7.85
#